data_8FIH
#
_entry.id   8FIH
#
_cell.length_a   66.018
_cell.length_b   119.757
_cell.length_c   38.800
_cell.angle_alpha   90.000
_cell.angle_beta   90.000
_cell.angle_gamma   90.000
#
_symmetry.space_group_name_H-M   'P 21 21 2'
#
loop_
_entity.id
_entity.type
_entity.pdbx_description
1 polymer 3hb05
2 non-polymer 'PHOSPHATE ION'
3 water water
#
_entity_poly.entity_id   1
_entity_poly.type   'polypeptide(L)'
_entity_poly.pdbx_seq_one_letter_code
;AEEAERLRREAERNREKAEEQREKAKKAYEKAKKGEASEEHAAALLAEAAVLELKAVLLTLEARRLYKELGGDERAREAL
EAAERAREAAREAREVAEKAYDAAS
;
_entity_poly.pdbx_strand_id   A,B,C
#
# COMPACT_ATOMS: atom_id res chain seq x y z
N ALA A 1 -11.98 4.44 24.06
CA ALA A 1 -12.50 3.10 23.81
C ALA A 1 -13.22 3.06 22.47
N GLU A 2 -14.51 3.40 22.47
CA GLU A 2 -15.23 3.55 21.22
C GLU A 2 -14.69 4.70 20.39
N GLU A 3 -14.12 5.71 21.05
CA GLU A 3 -13.55 6.86 20.34
C GLU A 3 -12.34 6.46 19.50
N ALA A 4 -11.46 5.62 20.05
CA ALA A 4 -10.34 5.12 19.27
C ALA A 4 -10.81 4.34 18.06
N GLU A 5 -11.92 3.59 18.20
CA GLU A 5 -12.45 2.84 17.06
C GLU A 5 -13.04 3.76 16.00
N ARG A 6 -13.72 4.83 16.42
CA ARG A 6 -14.24 5.79 15.46
C ARG A 6 -13.11 6.49 14.72
N LEU A 7 -12.07 6.88 15.45
CA LEU A 7 -10.90 7.50 14.83
C LEU A 7 -10.25 6.56 13.84
N ARG A 8 -10.06 5.30 14.23
CA ARG A 8 -9.51 4.30 13.32
C ARG A 8 -10.33 4.22 12.04
N ARG A 9 -11.66 4.15 12.16
CA ARG A 9 -12.51 4.05 10.97
CA ARG A 9 -12.49 4.04 10.96
C ARG A 9 -12.39 5.30 10.10
N GLU A 10 -12.31 6.46 10.74
CA GLU A 10 -12.12 7.71 10.00
C GLU A 10 -10.80 7.69 9.25
N ALA A 11 -9.73 7.24 9.92
CA ALA A 11 -8.44 7.17 9.24
C ALA A 11 -8.50 6.21 8.06
N GLU A 12 -9.18 5.08 8.21
CA GLU A 12 -9.27 4.12 7.11
C GLU A 12 -10.00 4.72 5.90
N ARG A 13 -11.10 5.45 6.13
CA ARG A 13 -11.79 6.12 5.02
C ARG A 13 -10.93 7.19 4.37
N ASN A 14 -10.14 7.91 5.18
CA ASN A 14 -9.20 8.87 4.59
C ASN A 14 -8.20 8.17 3.68
N ARG A 15 -7.72 7.01 4.10
CA ARG A 15 -6.70 6.29 3.34
C ARG A 15 -7.24 5.78 2.02
N GLU A 16 -8.50 5.33 2.01
CA GLU A 16 -9.09 4.82 0.77
C GLU A 16 -9.41 5.95 -0.20
N LYS A 17 -9.83 7.12 0.32
CA LYS A 17 -9.96 8.29 -0.55
C LYS A 17 -8.61 8.68 -1.17
N ALA A 18 -7.53 8.60 -0.38
CA ALA A 18 -6.20 8.93 -0.90
C ALA A 18 -5.79 7.95 -2.02
N GLU A 19 -6.02 6.65 -1.82
CA GLU A 19 -5.67 5.67 -2.86
C GLU A 19 -6.49 5.91 -4.13
N GLU A 20 -7.73 6.36 -4.00
CA GLU A 20 -8.50 6.73 -5.16
C GLU A 20 -7.90 7.95 -5.85
N GLN A 21 -7.43 8.93 -5.08
CA GLN A 21 -6.79 10.11 -5.66
C GLN A 21 -5.50 9.75 -6.37
N ARG A 22 -4.71 8.84 -5.78
CA ARG A 22 -3.47 8.42 -6.44
C ARG A 22 -3.75 7.75 -7.79
N GLU A 23 -4.79 6.92 -7.85
CA GLU A 23 -5.14 6.27 -9.10
C GLU A 23 -5.56 7.29 -10.15
N LYS A 24 -6.40 8.27 -9.76
CA LYS A 24 -6.78 9.33 -10.69
C LYS A 24 -5.56 10.07 -11.20
N ALA A 25 -4.62 10.41 -10.31
CA ALA A 25 -3.42 11.11 -10.71
C ALA A 25 -2.57 10.29 -11.67
N LYS A 26 -2.55 8.96 -11.46
CA LYS A 26 -1.80 8.08 -12.34
C LYS A 26 -2.42 8.05 -13.73
N LYS A 27 -3.74 7.85 -13.81
CA LYS A 27 -4.42 7.88 -15.10
C LYS A 27 -4.19 9.22 -15.80
N ALA A 28 -4.22 10.32 -15.05
CA ALA A 28 -3.98 11.62 -15.65
C ALA A 28 -2.59 11.72 -16.25
N TYR A 29 -1.60 11.10 -15.59
CA TYR A 29 -0.24 11.10 -16.14
C TYR A 29 -0.14 10.20 -17.36
N GLU A 30 -0.70 8.99 -17.28
CA GLU A 30 -0.66 8.09 -18.42
C GLU A 30 -1.32 8.73 -19.64
N LYS A 31 -2.42 9.44 -19.43
CA LYS A 31 -3.09 10.17 -20.51
C LYS A 31 -2.61 11.62 -20.50
N ALA A 32 -1.34 11.79 -20.91
CA ALA A 32 -0.74 13.11 -21.01
C ALA A 32 -1.44 13.87 -22.15
N LYS A 33 -2.57 14.48 -21.80
CA LYS A 33 -3.40 15.15 -22.81
C LYS A 33 -2.83 16.50 -23.20
N LYS A 34 -2.22 17.22 -22.25
CA LYS A 34 -1.70 18.57 -22.46
C LYS A 34 -2.80 19.57 -22.73
N GLY A 35 -2.56 20.84 -22.42
CA GLY A 35 -3.57 21.88 -22.55
C GLY A 35 -4.01 22.40 -21.20
N GLU A 36 -4.88 23.42 -21.26
CA GLU A 36 -5.36 24.05 -20.03
C GLU A 36 -6.27 23.11 -19.24
N ALA A 37 -7.18 22.42 -19.93
CA ALA A 37 -8.10 21.52 -19.23
C ALA A 37 -7.35 20.44 -18.46
N SER A 38 -6.31 19.86 -19.06
CA SER A 38 -5.56 18.83 -18.36
C SER A 38 -4.75 19.42 -17.21
N GLU A 39 -4.23 20.63 -17.38
CA GLU A 39 -3.51 21.29 -16.30
C GLU A 39 -4.43 21.58 -15.12
N GLU A 40 -5.61 22.14 -15.42
CA GLU A 40 -6.58 22.45 -14.38
C GLU A 40 -7.01 21.19 -13.63
N HIS A 41 -7.25 20.11 -14.37
CA HIS A 41 -7.63 18.85 -13.73
C HIS A 41 -6.49 18.32 -12.84
N ALA A 42 -5.27 18.36 -13.35
CA ALA A 42 -4.13 17.94 -12.54
C ALA A 42 -3.98 18.83 -11.31
N ALA A 43 -4.25 20.12 -11.46
CA ALA A 43 -4.19 21.00 -10.30
C ALA A 43 -5.23 20.59 -9.25
N ALA A 44 -6.41 20.13 -9.68
CA ALA A 44 -7.44 19.74 -8.72
C ALA A 44 -7.04 18.48 -7.96
N LEU A 45 -6.48 17.49 -8.66
CA LEU A 45 -5.97 16.30 -7.98
C LEU A 45 -4.87 16.66 -6.98
N LEU A 46 -3.97 17.56 -7.38
CA LEU A 46 -2.97 18.07 -6.44
C LEU A 46 -3.63 18.69 -5.21
N ALA A 47 -4.63 19.54 -5.41
CA ALA A 47 -5.26 20.21 -4.27
C ALA A 47 -5.99 19.22 -3.38
N GLU A 48 -6.75 18.29 -3.97
CA GLU A 48 -7.46 17.32 -3.14
C GLU A 48 -6.51 16.42 -2.38
N ALA A 49 -5.37 16.06 -2.98
CA ALA A 49 -4.42 15.21 -2.27
C ALA A 49 -3.84 15.97 -1.07
N ALA A 50 -3.52 17.24 -1.25
CA ALA A 50 -2.94 18.03 -0.14
C ALA A 50 -3.94 18.18 1.00
N VAL A 51 -5.22 18.33 0.66
CA VAL A 51 -6.25 18.39 1.70
C VAL A 51 -6.32 17.07 2.47
N LEU A 52 -6.22 15.94 1.76
CA LEU A 52 -6.28 14.65 2.42
C LEU A 52 -5.11 14.46 3.37
N GLU A 53 -3.92 14.90 2.96
CA GLU A 53 -2.74 14.76 3.81
C GLU A 53 -2.88 15.54 5.12
N LEU A 54 -3.33 16.80 5.02
CA LEU A 54 -3.49 17.61 6.22
C LEU A 54 -4.57 17.04 7.12
N LYS A 55 -5.67 16.54 6.53
CA LYS A 55 -6.70 15.88 7.33
C LYS A 55 -6.15 14.65 8.05
N ALA A 56 -5.33 13.85 7.36
CA ALA A 56 -4.72 12.72 8.05
C ALA A 56 -3.74 13.20 9.12
N VAL A 57 -3.06 14.32 8.89
CA VAL A 57 -2.20 14.88 9.93
C VAL A 57 -3.01 15.22 11.16
N LEU A 58 -4.18 15.83 10.98
CA LEU A 58 -5.03 16.14 12.13
C LEU A 58 -5.48 14.86 12.83
N LEU A 59 -5.80 13.82 12.07
CA LEU A 59 -6.22 12.57 12.69
C LEU A 59 -5.06 11.96 13.48
N THR A 60 -3.84 12.09 12.96
CA THR A 60 -2.67 11.59 13.67
C THR A 60 -2.49 12.32 15.00
N LEU A 61 -2.57 13.65 14.97
CA LEU A 61 -2.51 14.42 16.22
C LEU A 61 -3.59 13.98 17.18
N GLU A 62 -4.80 13.72 16.68
CA GLU A 62 -5.85 13.27 17.56
C GLU A 62 -5.53 11.89 18.14
N ALA A 63 -5.05 10.98 17.28
CA ALA A 63 -4.72 9.65 17.76
C ALA A 63 -3.57 9.68 18.76
N ARG A 64 -2.64 10.62 18.62
CA ARG A 64 -1.54 10.69 19.57
C ARG A 64 -1.99 11.20 20.93
N ARG A 65 -2.99 12.08 20.95
CA ARG A 65 -3.57 12.52 22.21
C ARG A 65 -4.34 11.39 22.89
N LEU A 66 -5.21 10.72 22.13
CA LEU A 66 -5.93 9.56 22.66
C LEU A 66 -4.98 8.45 23.09
N TYR A 67 -3.86 8.27 22.38
CA TYR A 67 -2.92 7.23 22.74
C TYR A 67 -2.25 7.50 24.09
N LYS A 68 -2.09 8.77 24.45
CA LYS A 68 -1.53 9.12 25.75
C LYS A 68 -2.57 8.98 26.85
N GLU A 69 -3.82 9.36 26.57
CA GLU A 69 -4.87 9.28 27.59
C GLU A 69 -5.22 7.82 27.92
N LEU A 70 -5.22 6.95 26.93
CA LEU A 70 -5.49 5.54 27.14
C LEU A 70 -4.25 4.74 27.53
N GLY A 71 -3.12 5.41 27.78
CA GLY A 71 -1.93 4.75 28.27
C GLY A 71 -1.42 3.60 27.40
N GLY A 72 -1.53 3.73 26.09
CA GLY A 72 -1.01 2.72 25.18
C GLY A 72 -1.97 1.61 24.83
N ASP A 73 -3.27 1.81 25.02
CA ASP A 73 -4.28 0.83 24.62
C ASP A 73 -4.07 0.39 23.18
N GLU A 74 -4.10 -0.93 22.94
CA GLU A 74 -3.97 -1.46 21.59
C GLU A 74 -4.96 -0.81 20.63
N ARG A 75 -6.14 -0.43 21.13
CA ARG A 75 -7.11 0.25 20.29
C ARG A 75 -6.60 1.63 19.87
N ALA A 76 -5.93 2.35 20.78
CA ALA A 76 -5.38 3.65 20.44
C ALA A 76 -4.15 3.50 19.55
N ARG A 77 -3.31 2.49 19.82
CA ARG A 77 -2.19 2.20 18.93
C ARG A 77 -2.67 1.92 17.52
N GLU A 78 -3.70 1.09 17.37
CA GLU A 78 -4.19 0.74 16.05
C GLU A 78 -4.80 1.94 15.34
N ALA A 79 -5.49 2.82 16.09
CA ALA A 79 -5.99 4.05 15.49
C ALA A 79 -4.84 4.97 15.07
N LEU A 80 -3.81 5.09 15.91
CA LEU A 80 -2.64 5.87 15.53
C LEU A 80 -1.95 5.26 14.31
N GLU A 81 -1.91 3.93 14.21
CA GLU A 81 -1.32 3.30 13.04
C GLU A 81 -2.13 3.58 11.78
N ALA A 82 -3.47 3.52 11.87
CA ALA A 82 -4.30 3.82 10.71
C ALA A 82 -4.10 5.26 10.23
N ALA A 83 -3.92 6.18 11.18
CA ALA A 83 -3.78 7.59 10.84
C ALA A 83 -2.47 7.86 10.11
N GLU A 84 -1.38 7.22 10.57
CA GLU A 84 -0.10 7.37 9.89
C GLU A 84 -0.14 6.76 8.50
N ARG A 85 -0.78 5.59 8.37
CA ARG A 85 -0.91 4.97 7.06
C ARG A 85 -1.72 5.85 6.11
N ALA A 86 -2.76 6.52 6.63
CA ALA A 86 -3.55 7.42 5.81
C ALA A 86 -2.71 8.60 5.33
N ARG A 87 -1.95 9.22 6.24
CA ARG A 87 -1.07 10.32 5.84
C ARG A 87 -0.08 9.87 4.77
N GLU A 88 0.57 8.72 5.00
CA GLU A 88 1.46 8.17 3.97
C GLU A 88 0.75 7.96 2.64
N ALA A 89 -0.50 7.48 2.66
CA ALA A 89 -1.20 7.26 1.39
C ALA A 89 -1.54 8.59 0.71
N ALA A 90 -1.96 9.58 1.48
CA ALA A 90 -2.31 10.87 0.88
C ALA A 90 -1.07 11.59 0.39
N ARG A 91 0.04 11.52 1.15
CA ARG A 91 1.28 12.11 0.67
C ARG A 91 1.72 11.44 -0.62
N GLU A 92 1.59 10.12 -0.71
CA GLU A 92 1.94 9.43 -1.95
C GLU A 92 1.04 9.88 -3.09
N ALA A 93 -0.24 10.13 -2.80
CA ALA A 93 -1.16 10.62 -3.83
C ALA A 93 -0.75 12.00 -4.32
N ARG A 94 -0.34 12.89 -3.40
CA ARG A 94 0.13 14.22 -3.81
C ARG A 94 1.34 14.11 -4.72
N GLU A 95 2.32 13.28 -4.34
CA GLU A 95 3.52 13.13 -5.15
C GLU A 95 3.15 12.73 -6.57
N VAL A 96 2.21 11.80 -6.73
CA VAL A 96 1.79 11.41 -8.07
C VAL A 96 1.07 12.56 -8.75
N ALA A 97 0.21 13.28 -8.02
CA ALA A 97 -0.47 14.43 -8.62
C ALA A 97 0.54 15.49 -9.08
N GLU A 98 1.59 15.73 -8.29
CA GLU A 98 2.66 16.62 -8.74
C GLU A 98 3.22 16.17 -10.08
N LYS A 99 3.54 14.89 -10.20
CA LYS A 99 4.09 14.40 -11.46
C LYS A 99 3.12 14.62 -12.61
N ALA A 100 1.84 14.32 -12.39
CA ALA A 100 0.85 14.56 -13.43
C ALA A 100 0.76 16.04 -13.76
N TYR A 101 0.81 16.92 -12.76
CA TYR A 101 0.70 18.34 -13.03
C TYR A 101 1.93 18.86 -13.78
N ASP A 102 3.12 18.49 -13.32
CA ASP A 102 4.34 18.93 -14.00
C ASP A 102 4.40 18.40 -15.42
N ALA A 103 3.82 17.24 -15.68
CA ALA A 103 3.84 16.70 -17.03
C ALA A 103 2.81 17.39 -17.93
N ALA A 104 1.66 17.75 -17.38
CA ALA A 104 0.65 18.42 -18.20
C ALA A 104 1.07 19.82 -18.61
N SER A 105 1.99 20.44 -17.88
CA SER A 105 2.39 21.82 -18.14
C SER A 105 3.39 21.89 -19.30
N GLU B 2 15.30 -14.52 19.83
CA GLU B 2 14.72 -15.61 19.07
C GLU B 2 13.32 -15.94 19.60
N GLU B 3 12.51 -16.57 18.75
CA GLU B 3 11.07 -16.74 18.96
C GLU B 3 10.38 -15.38 18.99
N ALA B 4 11.00 -14.38 19.64
CA ALA B 4 10.53 -13.01 19.49
C ALA B 4 10.85 -12.47 18.10
N GLU B 5 12.06 -12.73 17.61
CA GLU B 5 12.41 -12.29 16.24
C GLU B 5 11.70 -13.14 15.19
N ARG B 6 11.43 -14.41 15.48
CA ARG B 6 10.60 -15.22 14.60
C ARG B 6 9.18 -14.65 14.51
N LEU B 7 8.56 -14.40 15.67
CA LEU B 7 7.23 -13.80 15.68
C LEU B 7 7.20 -12.49 14.91
N ARG B 8 8.21 -11.64 15.14
CA ARG B 8 8.27 -10.36 14.44
C ARG B 8 8.23 -10.54 12.93
N ARG B 9 9.02 -11.51 12.42
CA ARG B 9 9.08 -11.74 10.98
C ARG B 9 7.77 -12.33 10.45
N GLU B 10 7.16 -13.24 11.20
CA GLU B 10 5.84 -13.73 10.79
C GLU B 10 4.82 -12.60 10.74
N ALA B 11 4.92 -11.66 11.69
CA ALA B 11 4.00 -10.54 11.68
C ALA B 11 4.26 -9.63 10.49
N GLU B 12 5.54 -9.36 10.19
CA GLU B 12 5.87 -8.55 9.02
C GLU B 12 5.36 -9.20 7.74
N ARG B 13 5.54 -10.52 7.60
CA ARG B 13 5.06 -11.22 6.41
C ARG B 13 3.54 -11.14 6.30
N ASN B 14 2.84 -11.39 7.40
CA ASN B 14 1.38 -11.28 7.40
C ASN B 14 0.94 -9.88 6.98
N ARG B 15 1.60 -8.86 7.52
CA ARG B 15 1.23 -7.48 7.19
C ARG B 15 1.43 -7.21 5.71
N GLU B 16 2.45 -7.81 5.10
CA GLU B 16 2.70 -7.58 3.69
C GLU B 16 1.65 -8.25 2.81
N LYS B 17 1.30 -9.50 3.12
CA LYS B 17 0.21 -10.15 2.39
C LYS B 17 -1.07 -9.34 2.49
N ALA B 18 -1.36 -8.78 3.67
CA ALA B 18 -2.56 -7.97 3.80
C ALA B 18 -2.51 -6.74 2.88
N GLU B 19 -1.34 -6.08 2.80
CA GLU B 19 -1.22 -4.94 1.90
C GLU B 19 -1.46 -5.36 0.46
N GLU B 20 -0.98 -6.54 0.07
CA GLU B 20 -1.27 -7.05 -1.26
C GLU B 20 -2.75 -7.35 -1.43
N GLN B 21 -3.37 -7.94 -0.40
CA GLN B 21 -4.77 -8.31 -0.53
C GLN B 21 -5.67 -7.08 -0.68
N ARG B 22 -5.43 -6.03 0.12
CA ARG B 22 -6.29 -4.85 0.01
C ARG B 22 -6.20 -4.21 -1.38
N GLU B 23 -5.02 -4.28 -2.00
CA GLU B 23 -4.88 -3.75 -3.35
C GLU B 23 -5.73 -4.52 -4.34
N LYS B 24 -5.65 -5.86 -4.28
CA LYS B 24 -6.51 -6.69 -5.11
C LYS B 24 -7.98 -6.40 -4.84
N ALA B 25 -8.32 -6.25 -3.56
CA ALA B 25 -9.72 -6.01 -3.21
C ALA B 25 -10.19 -4.67 -3.73
N LYS B 26 -9.34 -3.65 -3.64
CA LYS B 26 -9.73 -2.34 -4.17
C LYS B 26 -9.87 -2.39 -5.68
N LYS B 27 -8.95 -3.09 -6.35
CA LYS B 27 -9.12 -3.30 -7.78
C LYS B 27 -10.46 -3.95 -8.10
N ALA B 28 -10.86 -4.96 -7.32
CA ALA B 28 -12.16 -5.60 -7.57
C ALA B 28 -13.31 -4.66 -7.24
N TYR B 29 -13.18 -3.87 -6.16
CA TYR B 29 -14.25 -2.93 -5.81
C TYR B 29 -14.43 -1.86 -6.87
N GLU B 30 -13.32 -1.31 -7.40
CA GLU B 30 -13.44 -0.29 -8.45
C GLU B 30 -14.00 -0.89 -9.72
N LYS B 31 -13.62 -2.12 -10.04
CA LYS B 31 -14.20 -2.81 -11.19
C LYS B 31 -15.67 -3.10 -10.97
N ALA B 32 -16.10 -3.29 -9.72
CA ALA B 32 -17.50 -3.58 -9.44
C ALA B 32 -18.41 -2.39 -9.75
N LYS B 33 -17.84 -1.20 -9.92
CA LYS B 33 -18.61 -0.07 -10.43
C LYS B 33 -18.73 -0.10 -11.95
N LYS B 34 -17.99 -0.97 -12.62
CA LYS B 34 -18.11 -1.18 -14.06
C LYS B 34 -19.11 -2.27 -14.42
N GLY B 35 -19.54 -3.08 -13.45
CA GLY B 35 -20.57 -4.07 -13.66
C GLY B 35 -20.10 -5.43 -14.10
N GLU B 36 -18.79 -5.65 -14.21
CA GLU B 36 -18.26 -6.92 -14.68
C GLU B 36 -17.42 -7.62 -13.61
N ALA B 37 -17.73 -7.37 -12.34
CA ALA B 37 -16.96 -7.95 -11.25
C ALA B 37 -17.53 -9.30 -10.84
N SER B 38 -16.66 -10.30 -10.73
CA SER B 38 -17.06 -11.64 -10.32
C SER B 38 -17.30 -11.69 -8.83
N GLU B 39 -18.49 -12.17 -8.43
CA GLU B 39 -18.76 -12.45 -7.02
C GLU B 39 -17.81 -13.51 -6.49
N GLU B 40 -17.59 -14.57 -7.28
CA GLU B 40 -16.73 -15.67 -6.83
C GLU B 40 -15.32 -15.19 -6.56
N HIS B 41 -14.78 -14.35 -7.45
CA HIS B 41 -13.47 -13.78 -7.21
C HIS B 41 -13.46 -12.92 -5.95
N ALA B 42 -14.47 -12.07 -5.79
CA ALA B 42 -14.55 -11.27 -4.56
C ALA B 42 -14.67 -12.17 -3.33
N ALA B 43 -15.45 -13.25 -3.42
CA ALA B 43 -15.55 -14.19 -2.30
C ALA B 43 -14.18 -14.76 -1.92
N ALA B 44 -13.35 -15.08 -2.91
CA ALA B 44 -12.01 -15.58 -2.62
C ALA B 44 -11.14 -14.51 -1.96
N LEU B 45 -11.24 -13.26 -2.42
CA LEU B 45 -10.49 -12.19 -1.75
C LEU B 45 -10.96 -12.01 -0.31
N LEU B 46 -12.27 -12.06 -0.07
CA LEU B 46 -12.79 -11.96 1.29
C LEU B 46 -12.30 -13.11 2.17
N ALA B 47 -12.34 -14.34 1.64
CA ALA B 47 -11.88 -15.48 2.41
C ALA B 47 -10.41 -15.33 2.82
N GLU B 48 -9.57 -14.91 1.87
CA GLU B 48 -8.14 -14.78 2.18
C GLU B 48 -7.87 -13.63 3.15
N ALA B 49 -8.59 -12.52 3.00
CA ALA B 49 -8.41 -11.42 3.94
C ALA B 49 -8.80 -11.85 5.35
N ALA B 50 -9.90 -12.61 5.49
CA ALA B 50 -10.32 -13.08 6.80
C ALA B 50 -9.31 -14.03 7.41
N VAL B 51 -8.71 -14.89 6.58
CA VAL B 51 -7.63 -15.76 7.07
C VAL B 51 -6.50 -14.92 7.67
N LEU B 52 -6.05 -13.92 6.92
CA LEU B 52 -4.93 -13.10 7.40
C LEU B 52 -5.28 -12.37 8.69
N GLU B 53 -6.51 -11.83 8.80
CA GLU B 53 -6.86 -11.13 10.03
C GLU B 53 -6.87 -12.08 11.22
N LEU B 54 -7.38 -13.31 11.02
CA LEU B 54 -7.35 -14.28 12.11
C LEU B 54 -5.93 -14.69 12.46
N LYS B 55 -5.09 -14.94 11.45
CA LYS B 55 -3.70 -15.30 11.72
C LYS B 55 -3.00 -14.19 12.49
N ALA B 56 -3.34 -12.93 12.21
CA ALA B 56 -2.74 -11.81 12.91
C ALA B 56 -3.18 -11.77 14.37
N VAL B 57 -4.47 -12.03 14.62
CA VAL B 57 -4.96 -12.06 16.00
C VAL B 57 -4.24 -13.13 16.80
N LEU B 58 -4.00 -14.29 16.19
CA LEU B 58 -3.32 -15.37 16.90
C LEU B 58 -1.85 -15.03 17.16
N LEU B 59 -1.20 -14.37 16.20
CA LEU B 59 0.16 -13.89 16.44
C LEU B 59 0.20 -12.91 17.60
N THR B 60 -0.75 -11.97 17.63
CA THR B 60 -0.84 -11.02 18.74
C THR B 60 -0.92 -11.73 20.08
N LEU B 61 -1.79 -12.75 20.17
CA LEU B 61 -1.90 -13.50 21.43
C LEU B 61 -0.62 -14.22 21.76
N GLU B 62 0.02 -14.83 20.75
CA GLU B 62 1.31 -15.46 20.96
C GLU B 62 2.34 -14.44 21.43
N ALA B 63 2.36 -13.26 20.82
CA ALA B 63 3.31 -12.23 21.22
C ALA B 63 3.03 -11.73 22.64
N ARG B 64 1.76 -11.55 23.00
CA ARG B 64 1.43 -11.12 24.36
C ARG B 64 1.92 -12.14 25.38
N ARG B 65 1.73 -13.42 25.09
CA ARG B 65 2.24 -14.47 25.97
C ARG B 65 3.75 -14.36 26.12
N LEU B 66 4.47 -14.22 25.01
CA LEU B 66 5.92 -14.09 25.07
C LEU B 66 6.36 -12.81 25.77
N TYR B 67 5.52 -11.78 25.74
CA TYR B 67 5.88 -10.51 26.36
C TYR B 67 5.93 -10.64 27.87
N LYS B 68 4.90 -11.24 28.48
CA LYS B 68 4.93 -11.44 29.92
C LYS B 68 5.99 -12.46 30.33
N GLU B 69 6.27 -13.42 29.45
CA GLU B 69 7.26 -14.45 29.76
C GLU B 69 8.66 -13.86 29.85
N LEU B 70 8.99 -12.94 28.96
CA LEU B 70 10.28 -12.26 28.97
C LEU B 70 10.26 -11.00 29.81
N GLY B 71 9.18 -10.74 30.55
CA GLY B 71 9.12 -9.62 31.46
C GLY B 71 9.30 -8.26 30.82
N GLY B 72 8.76 -8.07 29.61
CA GLY B 72 8.86 -6.80 28.94
C GLY B 72 10.12 -6.57 28.14
N ASP B 73 10.71 -7.64 27.59
CA ASP B 73 11.89 -7.52 26.75
C ASP B 73 11.61 -6.57 25.59
N GLU B 74 12.62 -5.79 25.19
CA GLU B 74 12.45 -4.90 24.05
C GLU B 74 12.13 -5.67 22.78
N ARG B 75 12.79 -6.81 22.57
CA ARG B 75 12.47 -7.64 21.42
C ARG B 75 11.05 -8.17 21.49
N ALA B 76 10.61 -8.59 22.69
CA ALA B 76 9.24 -9.05 22.85
C ALA B 76 8.25 -7.93 22.57
N ARG B 77 8.55 -6.73 23.06
CA ARG B 77 7.69 -5.58 22.77
C ARG B 77 7.62 -5.31 21.28
N GLU B 78 8.71 -5.52 20.56
CA GLU B 78 8.71 -5.24 19.12
C GLU B 78 7.92 -6.30 18.35
N ALA B 79 7.96 -7.55 18.80
CA ALA B 79 7.14 -8.57 18.15
C ALA B 79 5.66 -8.29 18.34
N LEU B 80 5.27 -7.87 19.55
CA LEU B 80 3.88 -7.54 19.83
C LEU B 80 3.41 -6.39 18.95
N GLU B 81 4.19 -5.33 18.87
CA GLU B 81 3.80 -4.19 18.04
C GLU B 81 3.67 -4.59 16.58
N ALA B 82 4.59 -5.43 16.09
CA ALA B 82 4.51 -5.88 14.71
C ALA B 82 3.22 -6.68 14.48
N ALA B 83 2.85 -7.53 15.44
CA ALA B 83 1.63 -8.32 15.32
C ALA B 83 0.39 -7.43 15.29
N GLU B 84 0.40 -6.35 16.07
CA GLU B 84 -0.74 -5.43 16.09
C GLU B 84 -0.83 -4.61 14.81
N ARG B 85 0.30 -4.28 14.18
CA ARG B 85 0.21 -3.61 12.88
C ARG B 85 -0.29 -4.58 11.81
N ALA B 86 0.18 -5.83 11.84
CA ALA B 86 -0.33 -6.84 10.91
C ALA B 86 -1.84 -6.98 11.05
N ARG B 87 -2.33 -7.01 12.29
CA ARG B 87 -3.76 -7.17 12.52
C ARG B 87 -4.54 -6.00 11.95
N GLU B 88 -4.07 -4.77 12.21
CA GLU B 88 -4.79 -3.62 11.66
C GLU B 88 -4.72 -3.60 10.14
N ALA B 89 -3.60 -4.03 9.55
CA ALA B 89 -3.51 -4.07 8.09
C ALA B 89 -4.47 -5.11 7.50
N ALA B 90 -4.56 -6.29 8.12
CA ALA B 90 -5.45 -7.33 7.62
C ALA B 90 -6.92 -6.96 7.83
N ARG B 91 -7.23 -6.33 8.97
CA ARG B 91 -8.60 -5.88 9.23
C ARG B 91 -9.05 -4.90 8.14
N GLU B 92 -8.21 -3.92 7.82
CA GLU B 92 -8.52 -2.98 6.76
C GLU B 92 -8.64 -3.70 5.41
N ALA B 93 -7.78 -4.70 5.18
CA ALA B 93 -7.89 -5.50 3.96
C ALA B 93 -9.26 -6.16 3.85
N ARG B 94 -9.74 -6.74 4.96
CA ARG B 94 -11.02 -7.44 4.94
C ARG B 94 -12.19 -6.46 4.71
N GLU B 95 -12.10 -5.26 5.29
CA GLU B 95 -13.13 -4.26 5.02
C GLU B 95 -13.24 -3.96 3.53
N VAL B 96 -12.11 -3.76 2.86
CA VAL B 96 -12.15 -3.50 1.42
C VAL B 96 -12.68 -4.71 0.68
N ALA B 97 -12.33 -5.93 1.13
CA ALA B 97 -12.82 -7.12 0.45
C ALA B 97 -14.32 -7.26 0.64
N GLU B 98 -14.82 -6.95 1.84
CA GLU B 98 -16.26 -6.92 2.08
C GLU B 98 -16.95 -5.97 1.11
N LYS B 99 -16.40 -4.76 0.95
CA LYS B 99 -17.03 -3.80 0.06
C LYS B 99 -16.98 -4.28 -1.38
N ALA B 100 -15.90 -4.95 -1.76
CA ALA B 100 -15.80 -5.48 -3.11
C ALA B 100 -16.84 -6.57 -3.34
N TYR B 101 -16.98 -7.49 -2.37
CA TYR B 101 -17.98 -8.54 -2.52
C TYR B 101 -19.39 -7.96 -2.62
N ASP B 102 -19.76 -7.05 -1.71
CA ASP B 102 -21.12 -6.52 -1.72
C ASP B 102 -21.39 -5.74 -3.00
N ALA B 103 -20.41 -5.01 -3.51
CA ALA B 103 -20.63 -4.27 -4.74
C ALA B 103 -20.77 -5.20 -5.94
N ALA B 104 -20.05 -6.33 -5.94
CA ALA B 104 -20.12 -7.26 -7.05
C ALA B 104 -21.40 -8.09 -7.05
N SER B 105 -22.14 -8.09 -5.95
CA SER B 105 -23.40 -8.81 -5.86
C SER B 105 -24.55 -7.93 -6.32
N ALA C 1 17.56 8.96 8.90
CA ALA C 1 16.72 10.12 9.18
C ALA C 1 16.26 10.77 7.88
N GLU C 2 17.08 11.67 7.34
CA GLU C 2 16.83 12.19 6.01
C GLU C 2 17.02 11.11 4.95
N GLU C 3 17.88 10.13 5.20
CA GLU C 3 18.03 9.01 4.28
C GLU C 3 16.74 8.21 4.16
N ALA C 4 16.02 8.03 5.26
CA ALA C 4 14.77 7.27 5.22
C ALA C 4 13.69 8.01 4.43
N GLU C 5 13.63 9.33 4.58
CA GLU C 5 12.72 10.11 3.75
C GLU C 5 13.11 9.99 2.28
N ARG C 6 14.41 10.02 2.00
CA ARG C 6 14.88 9.85 0.63
C ARG C 6 14.55 8.46 0.10
N LEU C 7 14.79 7.42 0.90
CA LEU C 7 14.43 6.08 0.47
C LEU C 7 12.93 5.94 0.20
N ARG C 8 12.10 6.47 1.11
CA ARG C 8 10.66 6.41 0.92
C ARG C 8 10.25 7.06 -0.40
N ARG C 9 10.83 8.23 -0.69
CA ARG C 9 10.48 8.95 -1.92
C ARG C 9 10.91 8.17 -3.15
N GLU C 10 12.11 7.58 -3.13
CA GLU C 10 12.54 6.80 -4.28
C GLU C 10 11.65 5.57 -4.47
N ALA C 11 11.27 4.92 -3.37
CA ALA C 11 10.42 3.74 -3.49
C ALA C 11 9.05 4.12 -4.04
N GLU C 12 8.55 5.30 -3.66
CA GLU C 12 7.26 5.75 -4.16
C GLU C 12 7.33 6.10 -5.64
N ARG C 13 8.44 6.69 -6.08
CA ARG C 13 8.64 6.88 -7.52
C ARG C 13 8.75 5.55 -8.27
N ASN C 14 9.46 4.56 -7.70
CA ASN C 14 9.53 3.22 -8.31
C ASN C 14 8.15 2.61 -8.46
N ARG C 15 7.37 2.61 -7.38
CA ARG C 15 6.06 2.00 -7.44
C ARG C 15 5.20 2.66 -8.50
N GLU C 16 5.25 3.99 -8.58
CA GLU C 16 4.47 4.69 -9.59
C GLU C 16 4.92 4.34 -11.00
N LYS C 17 6.24 4.29 -11.22
CA LYS C 17 6.75 3.91 -12.53
C LYS C 17 6.34 2.48 -12.87
N ALA C 18 6.33 1.58 -11.89
CA ALA C 18 5.93 0.20 -12.15
C ALA C 18 4.47 0.10 -12.53
N GLU C 19 3.62 0.91 -11.92
CA GLU C 19 2.20 0.90 -12.30
C GLU C 19 2.02 1.37 -13.74
N GLU C 20 2.72 2.44 -14.13
CA GLU C 20 2.66 2.89 -15.51
C GLU C 20 3.16 1.81 -16.45
N GLN C 21 4.25 1.13 -16.08
CA GLN C 21 4.75 0.06 -16.94
C GLN C 21 3.76 -1.10 -16.99
N ARG C 22 3.07 -1.39 -15.88
CA ARG C 22 2.07 -2.45 -15.90
C ARG C 22 0.96 -2.12 -16.90
N GLU C 23 0.51 -0.86 -16.93
CA GLU C 23 -0.50 -0.45 -17.89
C GLU C 23 0.02 -0.58 -19.32
N LYS C 24 1.25 -0.12 -19.58
CA LYS C 24 1.83 -0.28 -20.91
C LYS C 24 1.86 -1.74 -21.33
N ALA C 25 2.18 -2.64 -20.39
CA ALA C 25 2.28 -4.05 -20.74
C ALA C 25 0.92 -4.68 -20.95
N LYS C 26 -0.09 -4.20 -20.23
CA LYS C 26 -1.45 -4.71 -20.44
C LYS C 26 -1.97 -4.33 -21.82
N LYS C 27 -1.72 -3.09 -22.26
CA LYS C 27 -2.07 -2.71 -23.62
C LYS C 27 -1.34 -3.58 -24.65
N ALA C 28 -0.07 -3.88 -24.40
CA ALA C 28 0.67 -4.74 -25.31
C ALA C 28 0.10 -6.15 -25.33
N TYR C 29 -0.33 -6.64 -24.17
CA TYR C 29 -0.93 -7.97 -24.10
C TYR C 29 -2.25 -8.02 -24.88
N GLU C 30 -3.07 -6.97 -24.74
CA GLU C 30 -4.32 -6.92 -25.50
C GLU C 30 -4.04 -6.74 -27.00
N LYS C 31 -3.00 -5.97 -27.33
CA LYS C 31 -2.65 -5.78 -28.73
C LYS C 31 -2.02 -7.01 -29.36
N ALA C 32 -1.60 -7.99 -28.55
CA ALA C 32 -1.09 -9.24 -29.07
C ALA C 32 -2.19 -10.17 -29.53
N LYS C 33 -3.40 -10.02 -28.98
CA LYS C 33 -4.52 -10.84 -29.41
C LYS C 33 -5.16 -10.31 -30.68
N LYS C 34 -4.95 -9.04 -31.00
CA LYS C 34 -5.20 -8.49 -32.33
C LYS C 34 -4.03 -8.69 -33.29
N GLY C 35 -2.99 -9.42 -32.86
CA GLY C 35 -1.82 -9.67 -33.66
C GLY C 35 -0.91 -8.48 -33.88
N GLU C 36 -1.33 -7.27 -33.50
CA GLU C 36 -0.57 -6.06 -33.79
C GLU C 36 0.60 -5.81 -32.86
N ALA C 37 0.76 -6.61 -31.80
CA ALA C 37 1.83 -6.33 -30.84
C ALA C 37 3.18 -6.67 -31.44
N SER C 38 4.16 -5.80 -31.18
CA SER C 38 5.52 -6.02 -31.64
C SER C 38 6.29 -6.78 -30.58
N GLU C 39 7.03 -7.80 -31.02
CA GLU C 39 7.85 -8.57 -30.09
C GLU C 39 8.95 -7.72 -29.48
N GLU C 40 9.46 -6.73 -30.23
CA GLU C 40 10.52 -5.87 -29.73
C GLU C 40 10.03 -4.97 -28.60
N HIS C 41 8.82 -4.42 -28.74
CA HIS C 41 8.25 -3.58 -27.68
C HIS C 41 8.02 -4.40 -26.41
N ALA C 42 7.44 -5.59 -26.56
CA ALA C 42 7.19 -6.44 -25.40
C ALA C 42 8.49 -6.83 -24.72
N ALA C 43 9.53 -7.12 -25.50
CA ALA C 43 10.83 -7.41 -24.90
C ALA C 43 11.35 -6.19 -24.16
N ALA C 44 11.15 -4.99 -24.73
CA ALA C 44 11.62 -3.78 -24.07
C ALA C 44 10.88 -3.54 -22.77
N LEU C 45 9.56 -3.71 -22.77
CA LEU C 45 8.78 -3.59 -21.54
C LEU C 45 9.23 -4.61 -20.49
N LEU C 46 9.52 -5.84 -20.91
CA LEU C 46 9.99 -6.85 -19.98
C LEU C 46 11.32 -6.46 -19.35
N ALA C 47 12.25 -5.96 -20.17
CA ALA C 47 13.53 -5.53 -19.64
C ALA C 47 13.36 -4.39 -18.65
N GLU C 48 12.52 -3.41 -18.98
CA GLU C 48 12.31 -2.28 -18.07
C GLU C 48 11.64 -2.72 -16.78
N ALA C 49 10.63 -3.59 -16.85
CA ALA C 49 10.01 -4.13 -15.65
C ALA C 49 11.04 -4.83 -14.76
N ALA C 50 11.90 -5.65 -15.37
CA ALA C 50 12.90 -6.35 -14.56
C ALA C 50 13.86 -5.38 -13.89
N VAL C 51 14.22 -4.29 -14.57
CA VAL C 51 15.08 -3.29 -13.96
C VAL C 51 14.40 -2.68 -12.74
N LEU C 52 13.09 -2.40 -12.85
CA LEU C 52 12.36 -1.86 -11.72
C LEU C 52 12.37 -2.84 -10.56
N GLU C 53 12.25 -4.13 -10.85
CA GLU C 53 12.25 -5.15 -9.80
C GLU C 53 13.63 -5.26 -9.14
N LEU C 54 14.70 -5.11 -9.92
CA LEU C 54 16.03 -5.07 -9.32
C LEU C 54 16.16 -3.86 -8.41
N LYS C 55 15.71 -2.70 -8.86
CA LYS C 55 15.78 -1.52 -8.01
C LYS C 55 14.93 -1.69 -6.75
N ALA C 56 13.81 -2.42 -6.86
CA ALA C 56 12.99 -2.64 -5.68
C ALA C 56 13.69 -3.55 -4.67
N VAL C 57 14.37 -4.60 -5.16
CA VAL C 57 15.17 -5.44 -4.26
C VAL C 57 16.21 -4.59 -3.54
N LEU C 58 16.88 -3.69 -4.27
CA LEU C 58 17.89 -2.84 -3.65
C LEU C 58 17.28 -1.96 -2.57
N LEU C 59 16.12 -1.35 -2.86
CA LEU C 59 15.52 -0.45 -1.88
C LEU C 59 15.14 -1.20 -0.61
N THR C 60 14.56 -2.40 -0.73
CA THR C 60 14.18 -3.14 0.47
C THR C 60 15.40 -3.47 1.32
N LEU C 61 16.51 -3.88 0.68
CA LEU C 61 17.75 -4.11 1.40
C LEU C 61 18.22 -2.84 2.11
N GLU C 62 18.17 -1.71 1.41
CA GLU C 62 18.60 -0.46 2.02
C GLU C 62 17.67 -0.05 3.16
N ALA C 63 16.35 -0.15 2.94
CA ALA C 63 15.42 0.19 4.01
C ALA C 63 15.54 -0.76 5.20
N ARG C 64 15.89 -2.02 4.98
CA ARG C 64 16.11 -2.94 6.09
C ARG C 64 17.30 -2.52 6.94
N ARG C 65 18.42 -2.19 6.30
CA ARG C 65 19.59 -1.69 7.01
C ARG C 65 19.23 -0.44 7.82
N LEU C 66 18.53 0.50 7.18
CA LEU C 66 18.13 1.73 7.86
C LEU C 66 17.19 1.44 9.03
N TYR C 67 16.28 0.48 8.85
CA TYR C 67 15.36 0.11 9.92
C TYR C 67 16.10 -0.40 11.15
N LYS C 68 17.13 -1.21 10.94
CA LYS C 68 17.94 -1.69 12.05
C LYS C 68 18.72 -0.55 12.69
N GLU C 69 19.31 0.32 11.88
CA GLU C 69 20.11 1.43 12.42
C GLU C 69 19.22 2.45 13.14
N LEU C 70 18.02 2.69 12.64
CA LEU C 70 17.14 3.69 13.22
C LEU C 70 16.22 3.13 14.30
N GLY C 71 16.30 1.84 14.60
CA GLY C 71 15.56 1.27 15.72
C GLY C 71 14.05 1.30 15.57
N GLY C 72 13.54 1.04 14.37
CA GLY C 72 12.11 1.02 14.17
C GLY C 72 11.44 2.37 14.14
N ASP C 73 12.21 3.45 13.99
CA ASP C 73 11.68 4.79 13.77
C ASP C 73 10.54 4.75 12.75
N GLU C 74 9.52 5.57 12.99
CA GLU C 74 8.37 5.60 12.08
C GLU C 74 8.80 5.91 10.65
N ARG C 75 9.80 6.79 10.48
CA ARG C 75 10.24 7.14 9.14
C ARG C 75 10.93 5.96 8.47
N ALA C 76 11.68 5.16 9.24
CA ALA C 76 12.31 3.97 8.66
C ALA C 76 11.28 2.87 8.42
N ARG C 77 10.21 2.84 9.20
CA ARG C 77 9.11 1.92 8.92
C ARG C 77 8.41 2.28 7.62
N GLU C 78 8.21 3.58 7.38
CA GLU C 78 7.53 3.98 6.15
C GLU C 78 8.39 3.69 4.92
N ALA C 79 9.70 3.93 5.01
CA ALA C 79 10.58 3.63 3.89
C ALA C 79 10.53 2.13 3.55
N LEU C 80 10.57 1.28 4.56
CA LEU C 80 10.48 -0.16 4.30
C LEU C 80 9.13 -0.54 3.72
N GLU C 81 8.05 0.09 4.20
CA GLU C 81 6.72 -0.18 3.67
C GLU C 81 6.60 0.25 2.22
N ALA C 82 7.09 1.45 1.88
CA ALA C 82 7.04 1.88 0.48
C ALA C 82 7.89 0.97 -0.39
N ALA C 83 9.06 0.55 0.11
CA ALA C 83 9.92 -0.35 -0.66
C ALA C 83 9.21 -1.66 -0.97
N GLU C 84 8.47 -2.21 0.00
CA GLU C 84 7.70 -3.42 -0.25
C GLU C 84 6.57 -3.18 -1.25
N ARG C 85 5.91 -2.01 -1.22
CA ARG C 85 4.91 -1.73 -2.25
C ARG C 85 5.57 -1.58 -3.62
N ALA C 86 6.77 -0.98 -3.67
CA ALA C 86 7.47 -0.89 -4.94
C ALA C 86 7.80 -2.28 -5.47
N ARG C 87 8.23 -3.18 -4.57
CA ARG C 87 8.64 -4.51 -5.00
C ARG C 87 7.46 -5.28 -5.60
N GLU C 88 6.29 -5.21 -4.95
CA GLU C 88 5.12 -5.88 -5.47
C GLU C 88 4.66 -5.28 -6.80
N ALA C 89 4.69 -3.96 -6.91
CA ALA C 89 4.26 -3.33 -8.16
C ALA C 89 5.18 -3.73 -9.31
N ALA C 90 6.49 -3.81 -9.05
CA ALA C 90 7.42 -4.19 -10.10
C ALA C 90 7.22 -5.65 -10.51
N ARG C 91 6.89 -6.51 -9.54
CA ARG C 91 6.60 -7.91 -9.83
C ARG C 91 5.41 -8.04 -10.77
N GLU C 92 4.31 -7.36 -10.45
CA GLU C 92 3.14 -7.39 -11.32
C GLU C 92 3.47 -6.83 -12.70
N ALA C 93 4.22 -5.73 -12.76
CA ALA C 93 4.63 -5.20 -14.05
C ALA C 93 5.36 -6.26 -14.87
N ARG C 94 6.32 -6.96 -14.25
CA ARG C 94 7.08 -7.96 -14.98
C ARG C 94 6.21 -9.14 -15.40
N GLU C 95 5.32 -9.61 -14.52
CA GLU C 95 4.45 -10.72 -14.85
C GLU C 95 3.59 -10.41 -16.07
N VAL C 96 3.04 -9.20 -16.15
CA VAL C 96 2.23 -8.83 -17.29
C VAL C 96 3.09 -8.66 -18.53
N ALA C 97 4.28 -8.10 -18.38
CA ALA C 97 5.18 -7.95 -19.52
C ALA C 97 5.58 -9.32 -20.09
N GLU C 98 5.78 -10.32 -19.23
CA GLU C 98 6.05 -11.68 -19.69
C GLU C 98 4.89 -12.24 -20.51
N LYS C 99 3.66 -12.04 -20.04
CA LYS C 99 2.50 -12.48 -20.81
C LYS C 99 2.44 -11.77 -22.15
N ALA C 100 2.66 -10.46 -22.16
CA ALA C 100 2.64 -9.72 -23.42
C ALA C 100 3.76 -10.18 -24.36
N TYR C 101 4.91 -10.59 -23.82
CA TYR C 101 5.98 -11.07 -24.70
C TYR C 101 5.68 -12.48 -25.23
N ASP C 102 5.21 -13.37 -24.35
CA ASP C 102 4.89 -14.72 -24.78
C ASP C 102 3.76 -14.74 -25.80
N ALA C 103 2.83 -13.78 -25.70
CA ALA C 103 1.75 -13.70 -26.68
C ALA C 103 2.24 -13.16 -28.01
N ALA C 104 3.16 -12.18 -27.98
CA ALA C 104 3.66 -11.56 -29.20
C ALA C 104 4.59 -12.47 -30.00
N SER C 105 5.03 -13.58 -29.44
CA SER C 105 5.93 -14.49 -30.16
C SER C 105 5.19 -15.73 -30.68
#